data_2GBH
#
_entry.id   2GBH
#
_entity_poly.entity_id   1
_entity_poly.type   'polyribonucleotide'
_entity_poly.pdbx_seq_one_letter_code
;(GMP)GGCUAAUG(PSU)UGAAAAAUUAGCCC
;
_entity_poly.pdbx_strand_id   A
#